data_3M51
#
_entry.id   3M51
#
_cell.length_a   97.440
_cell.length_b   97.440
_cell.length_c   214.270
_cell.angle_alpha   90.000
_cell.angle_beta   90.000
_cell.angle_gamma   90.000
#
_symmetry.space_group_name_H-M   'I 41 2 2'
#
loop_
_entity.id
_entity.type
_entity.pdbx_description
1 polymer '14-3-3-like protein C'
2 polymer 'N.plumbaginifolia H+-translocating ATPase mRNA'
3 non-polymer '2-hydroxy-5-[(5S)-3-hydroxy-5-(4-nitrophenyl)-2-oxo-4-(phenylcarbonyl)-2,5-dihydro-1H-pyrrol-1-yl]benzoic acid'
4 water water
#
loop_
_entity_poly.entity_id
_entity_poly.type
_entity_poly.pdbx_seq_one_letter_code
_entity_poly.pdbx_strand_id
1 'polypeptide(L)'
;MAVAPTAREENVYMAKLAEQAERYEEMVEFMEKVSNSLGSEELTVEERNLLSVAYKNVIGARRASWRIISSIEQKEESRG
NEEHVNSIREYRSKIENELSKICDGILKLLDAKLIPSAASGDSKVFYLKMKGDYHRYLAEFKTGAERKEAAESTLTAYKA
AQDIATTELAPTHPIRLGLALNFSVFYYEILNSPDRACNLAKQAFDEAIAELDTLGEESYKDSTLIMQLLRDNLTLWTSD
;
A
2 'polypeptide(L)' RRELHTLKGHVEAVVKLKGLDIETIQQSYDI P
#
loop_
_chem_comp.id
_chem_comp.type
_chem_comp.name
_chem_comp.formula
YR1 non-polymer '2-hydroxy-5-[(5S)-3-hydroxy-5-(4-nitrophenyl)-2-oxo-4-(phenylcarbonyl)-2,5-dihydro-1H-pyrrol-1-yl]benzoic acid' 'C24 H16 N2 O8'
#
# COMPACT_ATOMS: atom_id res chain seq x y z
N ARG A 8 -15.26 -18.07 -14.64
CA ARG A 8 -14.84 -16.69 -14.27
C ARG A 8 -15.86 -16.02 -13.36
N GLU A 9 -17.07 -15.86 -13.86
CA GLU A 9 -18.15 -15.24 -13.09
C GLU A 9 -18.23 -15.81 -11.68
N GLU A 10 -17.80 -17.05 -11.51
CA GLU A 10 -17.87 -17.72 -10.22
C GLU A 10 -16.83 -17.17 -9.24
N ASN A 11 -15.56 -17.25 -9.62
CA ASN A 11 -14.48 -16.75 -8.77
C ASN A 11 -14.69 -15.28 -8.40
N VAL A 12 -15.14 -14.49 -9.37
CA VAL A 12 -15.56 -13.11 -9.08
C VAL A 12 -16.56 -13.14 -7.94
N TYR A 13 -17.65 -13.85 -8.17
CA TYR A 13 -18.69 -14.01 -7.16
C TYR A 13 -18.09 -14.62 -5.89
N MET A 14 -17.59 -15.85 -6.02
CA MET A 14 -16.94 -16.53 -4.89
C MET A 14 -15.99 -15.58 -4.17
N ALA A 15 -15.46 -14.62 -4.91
CA ALA A 15 -14.56 -13.63 -4.34
C ALA A 15 -15.34 -12.66 -3.45
N LYS A 16 -16.40 -12.09 -4.00
CA LYS A 16 -17.24 -11.15 -3.27
C LYS A 16 -17.76 -11.78 -1.98
N LEU A 17 -17.91 -13.10 -1.98
CA LEU A 17 -18.27 -13.81 -0.77
C LEU A 17 -17.16 -13.66 0.26
N ALA A 18 -15.97 -14.16 -0.09
CA ALA A 18 -14.81 -14.03 0.78
C ALA A 18 -14.64 -12.59 1.26
N GLU A 19 -14.94 -11.63 0.38
CA GLU A 19 -14.94 -10.23 0.79
C GLU A 19 -15.95 -10.07 1.91
N GLN A 20 -17.23 -10.10 1.54
CA GLN A 20 -18.31 -10.02 2.51
C GLN A 20 -17.96 -10.80 3.78
N ALA A 21 -17.73 -12.09 3.61
CA ALA A 21 -17.39 -12.96 4.73
C ALA A 21 -16.18 -12.42 5.48
N GLU A 22 -15.36 -11.64 4.79
CA GLU A 22 -14.12 -11.13 5.35
C GLU A 22 -13.09 -12.23 5.52
N ARG A 23 -13.08 -13.15 4.56
CA ARG A 23 -12.05 -14.19 4.51
C ARG A 23 -11.14 -13.87 3.32
N TYR A 24 -10.28 -12.87 3.51
CA TYR A 24 -9.53 -12.26 2.42
C TYR A 24 -8.57 -13.22 1.72
N GLU A 25 -7.70 -13.85 2.49
N GLU A 25 -7.69 -13.85 2.49
CA GLU A 25 -6.76 -14.82 1.93
CA GLU A 25 -6.77 -14.82 1.92
C GLU A 25 -7.46 -15.67 0.86
C GLU A 25 -7.49 -15.60 0.83
N GLU A 26 -8.64 -16.17 1.18
CA GLU A 26 -9.45 -16.91 0.23
C GLU A 26 -9.89 -15.99 -0.91
N MET A 27 -10.05 -14.70 -0.60
CA MET A 27 -10.44 -13.73 -1.62
C MET A 27 -9.32 -13.57 -2.64
N VAL A 28 -8.08 -13.65 -2.17
CA VAL A 28 -6.92 -13.56 -3.05
C VAL A 28 -6.97 -14.70 -4.07
N GLU A 29 -7.16 -15.93 -3.57
CA GLU A 29 -7.21 -17.11 -4.42
C GLU A 29 -8.24 -16.95 -5.54
N PHE A 30 -9.52 -16.84 -5.17
CA PHE A 30 -10.57 -16.66 -6.16
C PHE A 30 -10.11 -15.69 -7.24
N MET A 31 -9.35 -14.68 -6.85
CA MET A 31 -8.84 -13.69 -7.78
C MET A 31 -7.71 -14.24 -8.63
N GLU A 32 -6.71 -14.82 -7.97
CA GLU A 32 -5.65 -15.53 -8.68
C GLU A 32 -6.28 -16.33 -9.81
N LYS A 33 -7.19 -17.22 -9.45
CA LYS A 33 -7.95 -17.96 -10.44
C LYS A 33 -8.37 -17.03 -11.56
N VAL A 34 -9.04 -15.95 -11.20
CA VAL A 34 -9.58 -15.00 -12.17
C VAL A 34 -8.52 -14.51 -13.16
N SER A 35 -7.39 -14.04 -12.64
CA SER A 35 -6.33 -13.51 -13.47
C SER A 35 -5.85 -14.55 -14.49
N ASN A 36 -5.32 -15.66 -13.97
CA ASN A 36 -4.81 -16.73 -14.83
C ASN A 36 -5.88 -17.23 -15.79
N SER A 37 -7.08 -17.42 -15.27
CA SER A 37 -8.21 -17.85 -16.09
C SER A 37 -8.43 -16.87 -17.23
N LEU A 38 -7.46 -15.99 -17.44
CA LEU A 38 -7.56 -14.96 -18.46
C LEU A 38 -6.27 -14.87 -19.28
N GLU A 41 -6.69 -11.51 -21.49
CA GLU A 41 -7.52 -10.36 -21.80
C GLU A 41 -7.27 -9.19 -20.86
N GLU A 42 -8.05 -8.12 -21.02
CA GLU A 42 -7.88 -6.91 -20.23
C GLU A 42 -8.76 -6.94 -18.98
N LEU A 43 -8.15 -7.31 -17.85
CA LEU A 43 -8.88 -7.42 -16.59
C LEU A 43 -9.74 -6.18 -16.31
N THR A 44 -10.97 -6.42 -15.87
CA THR A 44 -11.95 -5.35 -15.70
C THR A 44 -11.75 -4.53 -14.43
N VAL A 45 -12.09 -3.25 -14.50
CA VAL A 45 -11.98 -2.35 -13.36
C VAL A 45 -12.34 -3.09 -12.07
N GLU A 46 -13.53 -3.66 -12.04
CA GLU A 46 -14.02 -4.37 -10.86
C GLU A 46 -12.99 -5.37 -10.36
N GLU A 47 -12.72 -6.40 -11.17
CA GLU A 47 -11.77 -7.44 -10.81
C GLU A 47 -10.44 -6.85 -10.36
N ARG A 48 -9.93 -5.90 -11.14
CA ARG A 48 -8.71 -5.20 -10.77
C ARG A 48 -8.81 -4.73 -9.33
N ASN A 49 -9.87 -3.98 -9.02
CA ASN A 49 -10.06 -3.41 -7.70
C ASN A 49 -10.43 -4.43 -6.63
N LEU A 50 -10.74 -5.65 -7.06
CA LEU A 50 -10.99 -6.73 -6.11
C LEU A 50 -9.68 -7.43 -5.76
N LEU A 51 -8.88 -7.74 -6.78
CA LEU A 51 -7.58 -8.34 -6.56
C LEU A 51 -6.78 -7.50 -5.57
N SER A 52 -6.82 -6.18 -5.75
CA SER A 52 -6.13 -5.26 -4.86
C SER A 52 -6.64 -5.38 -3.43
N VAL A 53 -7.90 -5.01 -3.22
CA VAL A 53 -8.51 -5.07 -1.91
C VAL A 53 -8.18 -6.39 -1.22
N ALA A 54 -8.20 -7.47 -1.98
CA ALA A 54 -7.85 -8.78 -1.46
C ALA A 54 -6.44 -8.73 -0.88
N TYR A 55 -5.48 -8.38 -1.73
CA TYR A 55 -4.09 -8.28 -1.32
C TYR A 55 -3.89 -7.15 -0.30
N LYS A 56 -4.60 -6.05 -0.49
CA LYS A 56 -4.53 -4.93 0.44
C LYS A 56 -4.75 -5.40 1.86
N ASN A 57 -5.82 -6.16 2.06
CA ASN A 57 -6.19 -6.63 3.39
C ASN A 57 -5.30 -7.75 3.91
N VAL A 58 -5.07 -8.77 3.08
CA VAL A 58 -4.20 -9.86 3.49
C VAL A 58 -2.88 -9.29 3.99
N ILE A 59 -2.22 -8.55 3.11
CA ILE A 59 -0.96 -7.89 3.45
C ILE A 59 -1.14 -6.98 4.65
N GLY A 60 -2.12 -6.09 4.56
CA GLY A 60 -2.38 -5.11 5.62
C GLY A 60 -2.37 -5.72 7.01
N ALA A 61 -3.04 -6.86 7.16
CA ALA A 61 -3.14 -7.52 8.45
C ALA A 61 -1.78 -7.82 9.03
N ARG A 62 -0.81 -8.11 8.16
CA ARG A 62 0.53 -8.48 8.60
C ARG A 62 1.30 -7.27 9.09
N ARG A 63 1.36 -6.23 8.26
CA ARG A 63 2.03 -5.01 8.64
C ARG A 63 1.59 -4.58 10.04
N ALA A 64 0.28 -4.64 10.27
CA ALA A 64 -0.28 -4.26 11.56
C ALA A 64 0.25 -5.16 12.66
N SER A 65 0.01 -6.46 12.54
CA SER A 65 0.56 -7.42 13.48
C SER A 65 2.03 -7.09 13.64
N TRP A 66 2.67 -6.83 12.50
CA TRP A 66 4.08 -6.53 12.43
C TRP A 66 4.46 -5.35 13.33
N ARG A 67 3.93 -4.17 13.00
CA ARG A 67 4.31 -2.96 13.71
C ARG A 67 4.18 -3.12 15.23
N ILE A 68 2.97 -3.37 15.71
CA ILE A 68 2.78 -3.60 17.13
C ILE A 68 3.92 -4.44 17.67
N ILE A 69 4.04 -5.66 17.14
CA ILE A 69 5.11 -6.56 17.53
C ILE A 69 6.42 -5.79 17.64
N SER A 70 6.95 -5.39 16.50
CA SER A 70 8.19 -4.62 16.47
C SER A 70 8.16 -3.55 17.55
N SER A 71 7.02 -2.88 17.68
CA SER A 71 6.84 -1.83 18.68
C SER A 71 7.02 -2.34 20.09
N ILE A 72 6.56 -3.57 20.34
CA ILE A 72 6.68 -4.16 21.66
C ILE A 72 8.11 -4.65 21.87
N GLU A 73 8.71 -5.17 20.81
CA GLU A 73 10.09 -5.63 20.84
C GLU A 73 11.01 -4.50 21.29
N GLN A 74 10.88 -3.35 20.62
CA GLN A 74 11.66 -2.17 20.95
C GLN A 74 11.56 -1.82 22.44
N LYS A 75 10.32 -1.70 22.92
CA LYS A 75 10.08 -1.31 24.30
C LYS A 75 10.93 -2.10 25.29
N GLU A 76 10.94 -3.41 25.14
CA GLU A 76 11.62 -4.28 26.09
C GLU A 76 13.04 -3.80 26.36
N GLU A 77 13.83 -3.68 25.30
CA GLU A 77 15.22 -3.24 25.41
C GLU A 77 15.31 -1.88 26.10
N HIS A 84 13.95 -12.41 26.59
CA HIS A 84 12.64 -11.88 26.21
C HIS A 84 12.57 -11.47 24.75
N VAL A 85 13.16 -10.31 24.45
CA VAL A 85 13.19 -9.79 23.08
C VAL A 85 13.44 -10.93 22.09
N ASN A 86 14.23 -11.91 22.52
CA ASN A 86 14.53 -13.09 21.71
C ASN A 86 13.27 -13.69 21.11
N SER A 87 12.37 -14.13 21.98
CA SER A 87 11.12 -14.75 21.55
C SER A 87 10.37 -13.85 20.57
N ILE A 88 10.10 -12.63 21.00
CA ILE A 88 9.41 -11.66 20.16
C ILE A 88 9.95 -11.69 18.74
N ARG A 89 11.24 -11.42 18.59
CA ARG A 89 11.87 -11.45 17.28
C ARG A 89 11.50 -12.71 16.53
N GLU A 90 11.60 -13.85 17.21
CA GLU A 90 11.17 -15.12 16.65
C GLU A 90 9.80 -14.98 15.99
N TYR A 91 8.84 -14.48 16.77
CA TYR A 91 7.50 -14.29 16.27
C TYR A 91 7.54 -13.39 15.03
N ARG A 92 8.07 -12.19 15.18
CA ARG A 92 8.17 -11.26 14.06
C ARG A 92 8.77 -11.96 12.86
N SER A 93 9.76 -12.80 13.11
CA SER A 93 10.35 -13.61 12.07
C SER A 93 9.25 -14.34 11.32
N LYS A 94 8.47 -15.13 12.06
CA LYS A 94 7.36 -15.86 11.47
C LYS A 94 6.48 -14.93 10.66
N ILE A 95 6.06 -13.84 11.29
CA ILE A 95 5.20 -12.85 10.63
C ILE A 95 5.81 -12.40 9.30
N GLU A 96 6.97 -11.76 9.38
CA GLU A 96 7.64 -11.26 8.19
C GLU A 96 7.62 -12.28 7.07
N ASN A 97 8.07 -13.50 7.38
CA ASN A 97 8.03 -14.59 6.40
C ASN A 97 6.75 -14.55 5.58
N GLU A 98 5.62 -14.36 6.25
CA GLU A 98 4.34 -14.28 5.57
C GLU A 98 4.34 -13.13 4.58
N LEU A 99 4.78 -11.97 5.04
CA LEU A 99 4.85 -10.78 4.20
C LEU A 99 5.50 -11.08 2.85
N SER A 100 6.78 -11.42 2.87
CA SER A 100 7.52 -11.74 1.66
C SER A 100 6.69 -12.56 0.70
N LYS A 101 5.83 -13.40 1.28
CA LYS A 101 4.99 -14.31 0.49
C LYS A 101 3.95 -13.55 -0.33
N ILE A 102 2.97 -12.97 0.35
CA ILE A 102 1.93 -12.21 -0.33
C ILE A 102 2.57 -11.29 -1.34
N CYS A 103 3.51 -10.47 -0.87
CA CYS A 103 4.24 -9.56 -1.73
C CYS A 103 4.76 -10.32 -2.94
N ASP A 104 5.63 -11.29 -2.70
CA ASP A 104 6.17 -12.12 -3.77
C ASP A 104 5.07 -12.60 -4.71
N GLY A 105 3.95 -13.01 -4.13
CA GLY A 105 2.82 -13.49 -4.91
C GLY A 105 2.26 -12.46 -5.87
N ILE A 106 1.75 -11.36 -5.31
CA ILE A 106 1.12 -10.31 -6.11
C ILE A 106 2.07 -9.77 -7.18
N LEU A 107 3.37 -9.78 -6.89
CA LEU A 107 4.35 -9.20 -7.79
C LEU A 107 4.47 -9.95 -9.12
N LYS A 108 4.77 -11.25 -9.06
CA LYS A 108 4.85 -12.04 -10.28
C LYS A 108 3.58 -11.83 -11.10
N LEU A 109 2.44 -12.03 -10.45
CA LEU A 109 1.16 -11.84 -11.11
C LEU A 109 1.14 -10.50 -11.83
N LEU A 110 1.82 -9.52 -11.24
CA LEU A 110 1.96 -8.21 -11.86
C LEU A 110 2.77 -8.31 -13.15
N ASP A 111 4.00 -8.78 -13.03
CA ASP A 111 4.89 -8.91 -14.18
C ASP A 111 4.28 -9.81 -15.24
N ALA A 112 3.79 -10.96 -14.82
CA ALA A 112 3.26 -11.97 -15.73
C ALA A 112 2.04 -11.47 -16.52
N LYS A 113 0.89 -11.44 -15.86
CA LYS A 113 -0.37 -11.16 -16.54
C LYS A 113 -0.70 -9.68 -16.63
N LEU A 114 -0.73 -9.00 -15.49
CA LEU A 114 -1.27 -7.65 -15.38
C LEU A 114 -0.60 -6.60 -16.25
N ILE A 115 0.54 -6.08 -15.80
CA ILE A 115 1.23 -5.04 -16.54
C ILE A 115 1.20 -5.28 -18.04
N PRO A 116 1.90 -6.33 -18.49
CA PRO A 116 2.03 -6.73 -19.89
C PRO A 116 0.83 -6.41 -20.76
N SER A 117 -0.36 -6.33 -20.16
CA SER A 117 -1.59 -6.11 -20.94
C SER A 117 -2.08 -4.66 -20.87
N ALA A 118 -1.77 -3.99 -19.75
CA ALA A 118 -2.20 -2.62 -19.56
C ALA A 118 -2.35 -1.88 -20.89
N ALA A 119 -3.51 -1.24 -21.08
CA ALA A 119 -3.79 -0.55 -22.33
C ALA A 119 -4.23 0.90 -22.13
N SER A 120 -4.08 1.41 -20.91
CA SER A 120 -4.48 2.78 -20.62
C SER A 120 -3.77 3.36 -19.40
N GLY A 121 -3.89 4.67 -19.22
CA GLY A 121 -3.25 5.36 -18.10
C GLY A 121 -3.54 4.71 -16.75
N ASP A 122 -4.79 4.82 -16.31
CA ASP A 122 -5.19 4.25 -15.03
C ASP A 122 -4.57 2.87 -14.86
N SER A 123 -5.01 1.93 -15.68
CA SER A 123 -4.48 0.58 -15.66
C SER A 123 -2.99 0.59 -15.40
N LYS A 124 -2.23 1.12 -16.35
CA LYS A 124 -0.78 1.19 -16.20
C LYS A 124 -0.39 1.94 -14.93
N VAL A 125 -0.81 3.19 -14.82
CA VAL A 125 -0.55 3.96 -13.61
C VAL A 125 -0.99 3.16 -12.39
N PHE A 126 -2.15 2.52 -12.51
CA PHE A 126 -2.70 1.70 -11.43
C PHE A 126 -1.70 0.62 -11.02
N TYR A 127 -1.45 -0.32 -11.92
CA TYR A 127 -0.53 -1.42 -11.64
C TYR A 127 0.84 -0.91 -11.22
N LEU A 128 1.55 -0.25 -12.12
CA LEU A 128 2.81 0.38 -11.78
C LEU A 128 2.77 0.78 -10.31
N LYS A 129 1.71 1.48 -9.95
CA LYS A 129 1.50 1.90 -8.57
C LYS A 129 1.54 0.71 -7.63
N MET A 130 0.73 -0.30 -7.90
CA MET A 130 0.73 -1.52 -7.09
C MET A 130 2.15 -2.04 -6.94
N LYS A 131 2.81 -2.24 -8.07
CA LYS A 131 4.15 -2.82 -8.13
C LYS A 131 5.13 -2.08 -7.24
N GLY A 132 4.93 -0.78 -7.08
CA GLY A 132 5.77 0.02 -6.21
C GLY A 132 5.40 -0.18 -4.75
N ASP A 133 4.10 -0.31 -4.49
CA ASP A 133 3.59 -0.44 -3.14
C ASP A 133 4.11 -1.69 -2.42
N TYR A 134 3.98 -2.83 -3.08
CA TYR A 134 4.42 -4.07 -2.46
C TYR A 134 5.93 -4.15 -2.39
N HIS A 135 6.59 -3.71 -3.46
CA HIS A 135 8.03 -3.52 -3.41
C HIS A 135 8.35 -2.66 -2.20
N ARG A 136 7.53 -1.63 -1.98
CA ARG A 136 7.69 -0.77 -0.82
C ARG A 136 7.47 -1.56 0.46
N TYR A 137 6.38 -2.32 0.52
CA TYR A 137 6.09 -3.12 1.70
C TYR A 137 7.27 -4.05 1.98
N LEU A 138 7.88 -4.55 0.92
CA LEU A 138 9.07 -5.38 1.06
C LEU A 138 10.21 -4.59 1.69
N ALA A 139 10.23 -3.29 1.44
CA ALA A 139 11.27 -2.42 1.98
C ALA A 139 11.05 -2.16 3.47
N GLU A 140 9.84 -2.37 3.94
CA GLU A 140 9.49 -2.07 5.33
C GLU A 140 10.24 -2.93 6.35
N PHE A 141 10.63 -4.14 5.96
CA PHE A 141 11.22 -5.07 6.92
C PHE A 141 12.53 -5.73 6.46
N LYS A 142 12.74 -5.82 5.15
CA LYS A 142 13.99 -6.37 4.63
C LYS A 142 15.17 -5.53 5.10
N THR A 143 16.35 -6.13 5.20
CA THR A 143 17.50 -5.45 5.82
C THR A 143 18.76 -5.41 4.97
N GLY A 144 19.02 -6.46 4.20
CA GLY A 144 20.26 -6.54 3.43
C GLY A 144 20.13 -6.16 1.97
N ALA A 145 20.74 -6.95 1.09
CA ALA A 145 20.65 -6.71 -0.34
C ALA A 145 19.21 -6.54 -0.75
N GLU A 146 18.33 -7.39 -0.22
CA GLU A 146 16.92 -7.32 -0.52
C GLU A 146 16.39 -5.91 -0.26
N ARG A 147 16.48 -5.49 1.00
CA ARG A 147 16.02 -4.17 1.40
C ARG A 147 16.33 -3.14 0.30
N LYS A 148 17.60 -3.10 -0.10
CA LYS A 148 18.03 -2.14 -1.10
C LYS A 148 17.30 -2.34 -2.43
N GLU A 149 17.51 -3.49 -3.06
CA GLU A 149 16.91 -3.77 -4.36
C GLU A 149 15.43 -3.41 -4.34
N ALA A 150 14.84 -3.42 -3.14
CA ALA A 150 13.45 -3.03 -2.97
C ALA A 150 13.28 -1.53 -3.11
N ALA A 151 13.93 -0.78 -2.23
CA ALA A 151 13.90 0.67 -2.29
C ALA A 151 14.05 1.13 -3.74
N GLU A 152 15.08 0.60 -4.39
CA GLU A 152 15.31 0.88 -5.80
C GLU A 152 14.06 0.54 -6.61
N SER A 153 13.67 -0.74 -6.55
CA SER A 153 12.50 -1.22 -7.26
C SER A 153 11.27 -0.37 -6.95
N THR A 154 11.13 0.00 -5.68
CA THR A 154 10.08 0.93 -5.27
C THR A 154 10.14 2.17 -6.16
N LEU A 155 11.24 2.91 -6.03
CA LEU A 155 11.44 4.16 -6.75
C LEU A 155 11.15 4.02 -8.24
N THR A 156 11.88 3.13 -8.90
CA THR A 156 11.72 2.94 -10.33
C THR A 156 10.27 2.69 -10.70
N ALA A 157 9.56 2.00 -9.80
CA ALA A 157 8.16 1.65 -10.03
C ALA A 157 7.26 2.88 -10.00
N TYR A 158 7.27 3.57 -8.87
CA TYR A 158 6.46 4.79 -8.71
C TYR A 158 6.80 5.80 -9.80
N LYS A 159 8.08 6.10 -9.95
CA LYS A 159 8.54 7.06 -10.95
C LYS A 159 8.01 6.69 -12.33
N ALA A 160 8.19 5.42 -12.69
CA ALA A 160 7.70 4.92 -13.97
C ALA A 160 6.22 5.22 -14.11
N ALA A 161 5.51 5.19 -13.00
CA ALA A 161 4.09 5.48 -12.98
C ALA A 161 3.85 6.99 -13.08
N GLN A 162 4.56 7.75 -12.26
CA GLN A 162 4.40 9.19 -12.23
C GLN A 162 4.50 9.81 -13.61
N ASP A 163 5.37 9.27 -14.44
CA ASP A 163 5.55 9.79 -15.79
C ASP A 163 4.26 9.72 -16.60
N ILE A 164 3.42 8.75 -16.30
CA ILE A 164 2.17 8.55 -17.03
C ILE A 164 1.03 9.35 -16.44
N ALA A 165 0.86 9.25 -15.12
CA ALA A 165 -0.19 9.98 -14.42
C ALA A 165 -0.07 11.48 -14.67
N THR A 166 0.95 12.10 -14.09
CA THR A 166 1.18 13.53 -14.21
C THR A 166 1.03 14.01 -15.66
N THR A 167 0.65 13.09 -16.54
CA THR A 167 0.62 13.41 -17.97
C THR A 167 -0.65 12.92 -18.67
N GLU A 168 -1.18 11.80 -18.20
CA GLU A 168 -2.34 11.19 -18.84
C GLU A 168 -3.55 11.25 -17.91
N LEU A 169 -3.35 11.74 -16.69
CA LEU A 169 -4.43 11.81 -15.71
C LEU A 169 -4.58 13.22 -15.15
N ALA A 170 -5.81 13.57 -14.75
CA ALA A 170 -6.09 14.88 -14.18
C ALA A 170 -5.53 14.96 -12.76
N PRO A 171 -4.96 16.11 -12.40
CA PRO A 171 -4.33 16.30 -11.10
C PRO A 171 -5.27 15.95 -9.96
N THR A 172 -6.54 15.76 -10.28
CA THR A 172 -7.53 15.45 -9.26
C THR A 172 -7.89 13.97 -9.28
N HIS A 173 -7.54 13.29 -10.36
CA HIS A 173 -7.81 11.86 -10.51
C HIS A 173 -7.29 11.09 -9.32
N PRO A 174 -8.13 10.23 -8.73
CA PRO A 174 -7.74 9.44 -7.57
C PRO A 174 -6.35 8.84 -7.73
N ILE A 175 -6.17 8.02 -8.75
CA ILE A 175 -4.88 7.37 -8.99
C ILE A 175 -3.74 8.39 -8.93
N ARG A 176 -3.82 9.39 -9.79
CA ARG A 176 -2.84 10.47 -9.79
C ARG A 176 -2.51 10.83 -8.34
N LEU A 177 -3.55 10.97 -7.53
CA LEU A 177 -3.39 11.30 -6.12
C LEU A 177 -2.87 10.10 -5.32
N GLY A 178 -3.55 8.97 -5.47
CA GLY A 178 -3.15 7.76 -4.76
C GLY A 178 -1.66 7.51 -4.86
N LEU A 179 -1.16 7.52 -6.09
CA LEU A 179 0.26 7.36 -6.34
C LEU A 179 1.05 8.36 -5.52
N ALA A 180 0.75 9.64 -5.72
CA ALA A 180 1.46 10.71 -5.03
C ALA A 180 1.60 10.43 -3.54
N LEU A 181 0.48 10.15 -2.89
CA LEU A 181 0.47 9.90 -1.45
C LEU A 181 1.51 8.86 -1.06
N ASN A 182 1.35 7.65 -1.59
CA ASN A 182 2.26 6.57 -1.26
C ASN A 182 3.70 6.89 -1.64
N PHE A 183 3.91 7.25 -2.91
CA PHE A 183 5.23 7.64 -3.36
C PHE A 183 5.89 8.54 -2.32
N SER A 184 5.11 9.49 -1.81
CA SER A 184 5.59 10.47 -0.85
C SER A 184 5.82 9.87 0.54
N VAL A 185 5.25 8.70 0.78
CA VAL A 185 5.50 7.98 2.02
C VAL A 185 6.72 7.09 1.83
N PHE A 186 7.00 6.77 0.56
CA PHE A 186 8.18 6.01 0.20
C PHE A 186 9.44 6.77 0.53
N TYR A 187 9.50 8.01 0.05
CA TYR A 187 10.63 8.89 0.33
C TYR A 187 10.79 9.08 1.83
N TYR A 188 9.86 9.81 2.43
CA TYR A 188 9.93 10.16 3.84
C TYR A 188 10.25 8.96 4.73
N GLU A 189 9.66 7.81 4.40
CA GLU A 189 9.71 6.67 5.30
C GLU A 189 10.71 5.58 4.89
N ILE A 190 10.84 5.35 3.59
CA ILE A 190 11.78 4.36 3.09
C ILE A 190 13.18 4.95 2.92
N LEU A 191 13.30 5.90 1.98
CA LEU A 191 14.57 6.55 1.72
C LEU A 191 14.97 7.49 2.86
N ASN A 192 14.03 7.74 3.75
CA ASN A 192 14.30 8.55 4.93
C ASN A 192 14.77 9.96 4.58
N SER A 193 14.15 10.57 3.58
CA SER A 193 14.51 11.91 3.12
C SER A 193 13.29 12.83 3.04
N PRO A 194 12.95 13.47 4.17
CA PRO A 194 11.75 14.30 4.34
C PRO A 194 11.55 15.32 3.23
N ASP A 195 12.63 16.02 2.86
CA ASP A 195 12.53 17.12 1.92
C ASP A 195 11.83 16.72 0.62
N ARG A 196 12.45 15.83 -0.14
CA ARG A 196 11.91 15.43 -1.44
C ARG A 196 10.46 14.97 -1.32
N ALA A 197 10.14 14.35 -0.19
CA ALA A 197 8.78 13.89 0.06
C ALA A 197 7.79 15.05 0.05
N CYS A 198 7.91 15.93 1.02
CA CYS A 198 7.01 17.07 1.17
C CYS A 198 6.64 17.71 -0.16
N ASN A 199 7.64 18.00 -0.97
CA ASN A 199 7.39 18.62 -2.27
C ASN A 199 6.45 17.78 -3.12
N LEU A 200 6.77 16.50 -3.25
CA LEU A 200 5.91 15.58 -3.98
C LEU A 200 4.52 15.65 -3.36
N ALA A 201 4.47 15.62 -2.03
CA ALA A 201 3.22 15.79 -1.32
C ALA A 201 2.55 17.10 -1.73
N LYS A 202 3.15 18.21 -1.32
CA LYS A 202 2.58 19.53 -1.58
C LYS A 202 2.30 19.75 -3.06
N GLN A 203 3.31 19.51 -3.89
CA GLN A 203 3.15 19.65 -5.33
C GLN A 203 1.88 18.94 -5.78
N ALA A 204 1.77 17.66 -5.44
CA ALA A 204 0.60 16.86 -5.80
C ALA A 204 -0.69 17.49 -5.25
N PHE A 205 -0.63 17.95 -4.00
CA PHE A 205 -1.80 18.52 -3.35
C PHE A 205 -2.27 19.80 -4.05
N ASP A 206 -1.34 20.72 -4.27
CA ASP A 206 -1.67 21.99 -4.90
C ASP A 206 -2.36 21.79 -6.25
N GLU A 207 -1.65 21.19 -7.20
CA GLU A 207 -2.16 21.00 -8.54
C GLU A 207 -3.46 20.20 -8.53
N ALA A 208 -3.79 19.63 -7.38
CA ALA A 208 -5.09 18.99 -7.21
C ALA A 208 -6.13 20.06 -6.96
N ILE A 209 -5.76 21.04 -6.14
CA ILE A 209 -6.61 22.18 -5.86
C ILE A 209 -6.83 23.03 -7.11
N ALA A 210 -5.74 23.59 -7.62
CA ALA A 210 -5.79 24.47 -8.79
C ALA A 210 -6.87 24.05 -9.77
N GLU A 211 -7.56 22.95 -9.48
CA GLU A 211 -8.59 22.43 -10.37
C GLU A 211 -9.73 21.78 -9.61
N LEU A 212 -9.83 22.11 -8.33
CA LEU A 212 -10.83 21.50 -7.46
C LEU A 212 -12.24 21.70 -7.98
N ASP A 213 -12.45 22.78 -8.72
CA ASP A 213 -13.76 23.09 -9.28
C ASP A 213 -14.62 21.83 -9.39
N TYR A 220 -15.16 12.96 -7.13
CA TYR A 220 -15.26 13.38 -5.74
C TYR A 220 -15.34 12.17 -4.82
N LYS A 221 -15.13 12.40 -3.53
CA LYS A 221 -15.24 11.34 -2.53
C LYS A 221 -13.94 10.54 -2.41
N ASP A 222 -13.54 9.91 -3.51
CA ASP A 222 -12.31 9.14 -3.53
C ASP A 222 -11.10 10.06 -3.56
N SER A 223 -11.13 11.06 -4.43
CA SER A 223 -10.05 12.03 -4.53
C SER A 223 -9.99 12.89 -3.27
N THR A 224 -11.10 13.54 -2.96
CA THR A 224 -11.19 14.41 -1.79
C THR A 224 -10.59 13.77 -0.54
N LEU A 225 -10.83 12.48 -0.36
CA LEU A 225 -10.35 11.78 0.83
C LEU A 225 -8.84 11.56 0.81
N ILE A 226 -8.27 11.59 -0.38
CA ILE A 226 -6.83 11.41 -0.53
C ILE A 226 -6.09 12.73 -0.28
N MET A 227 -6.62 13.81 -0.83
CA MET A 227 -6.04 15.12 -0.64
C MET A 227 -5.94 15.41 0.85
N GLN A 228 -6.90 14.88 1.61
CA GLN A 228 -6.92 15.07 3.05
C GLN A 228 -5.75 14.34 3.72
N LEU A 229 -5.47 13.13 3.24
CA LEU A 229 -4.36 12.34 3.77
C LEU A 229 -3.03 13.03 3.51
N LEU A 230 -2.94 13.71 2.36
CA LEU A 230 -1.72 14.43 2.01
C LEU A 230 -1.42 15.53 3.02
N ARG A 231 -2.41 16.37 3.28
CA ARG A 231 -2.26 17.46 4.24
C ARG A 231 -1.87 16.92 5.61
N ASP A 232 -2.49 15.81 5.99
CA ASP A 232 -2.19 15.18 7.28
C ASP A 232 -0.74 14.74 7.34
N ASN A 233 -0.22 14.23 6.23
CA ASN A 233 1.15 13.80 6.15
C ASN A 233 2.13 14.95 6.38
N LEU A 234 1.88 16.06 5.71
CA LEU A 234 2.73 17.25 5.85
C LEU A 234 2.69 17.69 7.31
N THR A 235 1.61 18.37 7.68
CA THR A 235 1.46 18.88 9.04
C THR A 235 2.13 17.92 10.02
N LEU A 236 2.08 16.63 9.72
CA LEU A 236 2.69 15.62 10.57
C LEU A 236 4.19 15.54 10.33
N TRP A 237 4.60 15.58 9.08
CA TRP A 237 6.01 15.55 8.73
C TRP A 237 6.68 16.87 9.07
N THR A 238 5.88 17.91 9.24
CA THR A 238 6.38 19.25 9.49
C THR A 238 6.48 19.57 10.98
N SER A 239 6.21 18.56 11.82
CA SER A 239 6.13 18.79 13.26
C SER A 239 7.09 17.93 14.08
N ASP A 240 7.45 16.76 13.54
CA ASP A 240 8.33 15.85 14.26
C ASP A 240 8.63 16.34 15.67
N ARG B 1 -13.19 6.18 8.52
CA ARG B 1 -12.64 6.23 7.13
C ARG B 1 -11.13 6.09 7.14
N ARG B 2 -10.49 6.81 8.06
CA ARG B 2 -9.05 6.78 8.18
C ARG B 2 -8.59 5.52 8.91
N GLU B 3 -9.38 5.12 9.90
CA GLU B 3 -9.12 3.86 10.60
C GLU B 3 -9.78 2.71 9.85
N LEU B 4 -10.48 3.04 8.77
CA LEU B 4 -11.11 2.04 7.92
C LEU B 4 -10.28 1.74 6.69
N HIS B 5 -9.55 2.75 6.20
CA HIS B 5 -8.88 2.65 4.91
C HIS B 5 -7.39 3.01 4.96
N THR B 6 -6.77 2.87 6.13
CA THR B 6 -5.34 3.12 6.25
C THR B 6 -4.72 2.30 7.37
N LEU B 7 -3.54 1.77 7.10
CA LEU B 7 -2.81 0.97 8.09
C LEU B 7 -2.59 1.77 9.36
N LYS B 8 -2.35 3.07 9.21
CA LYS B 8 -2.07 3.94 10.34
C LYS B 8 -3.29 4.04 11.27
N GLY B 9 -4.44 4.34 10.68
CA GLY B 9 -5.67 4.45 11.45
C GLY B 9 -5.98 3.17 12.20
N HIS B 10 -5.91 2.05 11.49
CA HIS B 10 -6.16 0.74 12.08
C HIS B 10 -5.23 0.48 13.26
N VAL B 11 -3.94 0.60 13.01
CA VAL B 11 -2.94 0.37 14.05
C VAL B 11 -3.26 1.18 15.30
N GLU B 12 -3.61 2.45 15.09
CA GLU B 12 -3.91 3.34 16.21
C GLU B 12 -5.16 2.91 16.97
N ALA B 13 -6.12 2.36 16.24
CA ALA B 13 -7.33 1.84 16.88
C ALA B 13 -6.96 0.70 17.81
N VAL B 14 -6.42 -0.37 17.25
CA VAL B 14 -6.04 -1.56 18.01
C VAL B 14 -5.21 -1.21 19.24
N VAL B 15 -4.08 -0.53 19.01
CA VAL B 15 -3.16 -0.22 20.09
C VAL B 15 -3.86 0.45 21.27
N LYS B 16 -4.82 1.32 20.97
CA LYS B 16 -5.56 2.02 22.01
C LYS B 16 -6.42 1.04 22.81
N LEU B 17 -7.26 0.30 22.09
CA LEU B 17 -8.14 -0.69 22.71
C LEU B 17 -7.34 -1.70 23.52
N LYS B 18 -6.26 -2.21 22.94
CA LYS B 18 -5.44 -3.20 23.60
C LYS B 18 -4.75 -2.65 24.85
N GLY B 19 -5.12 -1.43 25.24
CA GLY B 19 -4.51 -0.78 26.39
C GLY B 19 -2.99 -0.77 26.27
N LEU B 20 -2.49 -1.17 25.11
CA LEU B 20 -1.05 -1.24 24.88
C LEU B 20 -0.37 0.10 25.18
N ASP B 21 0.32 0.15 26.31
CA ASP B 21 0.92 1.41 26.76
C ASP B 21 2.32 1.63 26.17
N ILE B 22 2.72 0.80 25.22
CA ILE B 22 3.93 1.05 24.48
C ILE B 22 3.80 2.45 23.87
N GLU B 23 4.92 3.08 23.57
CA GLU B 23 4.86 4.46 23.10
C GLU B 23 4.80 4.61 21.58
N THR B 24 3.98 5.56 21.16
CA THR B 24 3.75 5.84 19.74
C THR B 24 4.76 5.19 18.81
N ILE B 25 4.26 4.39 17.88
CA ILE B 25 5.05 3.93 16.76
C ILE B 25 4.77 4.84 15.58
N GLN B 26 5.75 5.67 15.22
CA GLN B 26 5.56 6.62 14.13
C GLN B 26 5.03 5.94 12.88
N GLN B 27 4.22 6.67 12.12
CA GLN B 27 3.72 6.16 10.85
C GLN B 27 2.94 7.23 10.09
N SER B 28 3.01 7.18 8.77
CA SER B 28 2.32 8.14 7.92
C SER B 28 1.03 7.53 7.38
N TYR B 29 0.38 8.22 6.46
CA TYR B 29 -0.86 7.73 5.88
C TYR B 29 -0.65 7.23 4.46
N ASP B 30 -0.77 5.93 4.28
CA ASP B 30 -0.61 5.32 2.96
C ASP B 30 -1.87 4.55 2.56
N ILE B 31 -2.37 4.84 1.38
CA ILE B 31 -3.54 4.14 0.84
C ILE B 31 -3.25 2.66 0.66
OAA YR1 C . -9.04 3.09 -1.21
OAB YR1 C . -9.76 5.97 -8.95
OAC YR1 C . -12.28 1.09 -6.95
OAD YR1 C . -5.02 2.83 -4.08
OAE YR1 C . -9.05 0.92 -1.66
OAF YR1 C . -11.53 2.12 -9.56
OAG YR1 C . -12.22 1.87 -0.84
OAH YR1 C . -4.37 4.41 -5.86
CAI YR1 C . -10.28 3.39 -13.26
CAJ YR1 C . -9.66 2.67 -12.23
CAK YR1 C . -10.90 4.60 -12.98
CAL YR1 C . -9.67 3.17 -10.95
CAM YR1 C . -10.90 5.11 -11.68
CAN YR1 C . -13.13 2.35 -3.00
CAO YR1 C . -8.89 2.95 -5.56
CAP YR1 C . -8.39 5.09 -6.56
CAQ YR1 C . -12.95 2.64 -4.34
CAR YR1 C . -7.56 2.82 -5.19
CAS YR1 C . -7.06 4.95 -6.20
CAT YR1 C . -10.56 2.57 -4.03
CAU YR1 C . -9.51 2.08 -1.78
CAV YR1 C . -11.36 2.71 -8.35
CAW YR1 C . -10.26 4.88 -9.23
CAX YR1 C . -11.74 2.18 -7.12
CAY YR1 C . -10.81 3.96 -8.13
CAZ YR1 C . -12.03 2.16 -2.16
CBA YR1 C . -10.29 4.39 -10.67
CBB YR1 C . -9.30 4.10 -6.24
CBC YR1 C . -10.74 2.27 -2.67
CBD YR1 C . -11.66 2.77 -4.85
CBE YR1 C . -6.65 3.82 -5.51
CBF YR1 C . -10.77 4.22 -6.64
NBG YR1 C . -11.46 3.03 -6.13
NBH YR1 C . -5.37 3.69 -5.16
#